data_7JHP
#
_entry.id   7JHP
#
_cell.length_a   94.487
_cell.length_b   44.353
_cell.length_c   74.395
_cell.angle_alpha   90.000
_cell.angle_beta   103.945
_cell.angle_gamma   90.000
#
_symmetry.space_group_name_H-M   'C 1 2 1'
#
loop_
_entity.id
_entity.type
_entity.pdbx_description
1 polymer 'GTPase HRas'
2 polymer 'RAF proto-oncogene serine/threonine-protein kinase'
3 non-polymer 'PHOSPHOAMINOPHOSPHONIC ACID-GUANYLATE ESTER'
4 non-polymer 'MAGNESIUM ION'
5 non-polymer 'ZINC ION'
6 water water
#
loop_
_entity_poly.entity_id
_entity_poly.type
_entity_poly.pdbx_seq_one_letter_code
_entity_poly.pdbx_strand_id
1 'polypeptide(L)'
;MTEYKLVVVGAGGVGKSALTIQLIQNHFVDEYDPTIEDSYRKQVVIDGETCLLDILDTAGQEEYSAMRDQYMRTGEGFLC
VFAINNTKSFEDIHQYCEQIKRVKDSDDVPMVLVGNKCDLAARTVESRQAQDLARSYGIPYIETSAKTRQGVEDAFYTLV
REIRQH
;
A
2 'polypeptide(L)'
;SNTIRVFLPNKQRTVVNVRNGMSLHDCLMKALKVRGLQPECCAVFRLLHEHKGKKARLDWNTDAASLIGEELQVDFLDHV
PLTTHNFARKTFLKLAFCDICQKFLLNGFRCQTCGYKFHEHCSTKVPTMCVDW
;
C
#
# COMPACT_ATOMS: atom_id res chain seq x y z
N MET A 1 8.10 -17.43 0.09
CA MET A 1 7.05 -16.66 0.72
C MET A 1 5.79 -16.64 -0.14
N THR A 2 4.70 -16.14 0.42
CA THR A 2 3.41 -16.07 -0.26
C THR A 2 3.11 -14.64 -0.67
N GLU A 3 2.63 -14.47 -1.89
CA GLU A 3 2.25 -13.16 -2.41
C GLU A 3 0.73 -12.99 -2.30
N TYR A 4 0.31 -11.76 -2.02
CA TYR A 4 -1.11 -11.43 -1.88
C TYR A 4 -1.38 -10.16 -2.66
N LYS A 5 -2.33 -10.23 -3.59
CA LYS A 5 -2.71 -9.08 -4.41
C LYS A 5 -3.88 -8.35 -3.74
N LEU A 6 -3.55 -7.45 -2.82
CA LEU A 6 -4.54 -6.66 -2.12
C LEU A 6 -4.91 -5.43 -2.93
N VAL A 7 -6.16 -5.00 -2.80
CA VAL A 7 -6.68 -3.82 -3.48
C VAL A 7 -7.40 -2.96 -2.45
N VAL A 8 -7.08 -1.66 -2.44
CA VAL A 8 -7.69 -0.71 -1.52
C VAL A 8 -8.64 0.16 -2.34
N VAL A 9 -9.93 0.04 -2.08
CA VAL A 9 -10.95 0.80 -2.79
C VAL A 9 -11.68 1.68 -1.79
N GLY A 10 -12.50 2.58 -2.32
CA GLY A 10 -13.28 3.50 -1.51
C GLY A 10 -13.40 4.85 -2.20
N ALA A 11 -14.34 5.65 -1.69
CA ALA A 11 -14.58 6.98 -2.23
C ALA A 11 -13.35 7.88 -2.02
N GLY A 12 -13.42 9.06 -2.62
CA GLY A 12 -12.29 9.97 -2.55
C GLY A 12 -12.16 10.59 -1.16
N GLY A 13 -10.91 10.63 -0.68
CA GLY A 13 -10.60 11.31 0.57
C GLY A 13 -10.82 10.49 1.83
N VAL A 14 -11.22 9.23 1.72
CA VAL A 14 -11.50 8.44 2.92
C VAL A 14 -10.23 8.03 3.64
N GLY A 15 -9.07 8.10 2.98
CA GLY A 15 -7.82 7.78 3.63
C GLY A 15 -7.20 6.48 3.15
N LYS A 16 -7.44 6.13 1.89
CA LYS A 16 -6.87 4.89 1.34
C LYS A 16 -5.36 4.95 1.30
N SER A 17 -4.81 6.01 0.69
CA SER A 17 -3.36 6.14 0.59
C SER A 17 -2.73 6.33 1.97
N ALA A 18 -3.38 7.10 2.85
CA ALA A 18 -2.84 7.28 4.18
C ALA A 18 -2.81 5.97 4.96
N LEU A 19 -3.78 5.08 4.70
CA LEU A 19 -3.76 3.77 5.36
C LEU A 19 -2.65 2.88 4.79
N THR A 20 -2.47 2.90 3.47
CA THR A 20 -1.46 2.05 2.84
C THR A 20 -0.05 2.52 3.18
N ILE A 21 0.21 3.83 3.04
CA ILE A 21 1.53 4.36 3.33
C ILE A 21 1.87 4.17 4.81
N GLN A 22 0.87 4.26 5.69
CA GLN A 22 1.11 4.02 7.11
C GLN A 22 1.56 2.59 7.36
N LEU A 23 1.03 1.64 6.58
CA LEU A 23 1.36 0.24 6.81
C LEU A 23 2.79 -0.07 6.39
N ILE A 24 3.27 0.56 5.32
CA ILE A 24 4.55 0.18 4.71
C ILE A 24 5.69 1.09 5.18
N GLN A 25 5.37 2.32 5.58
CA GLN A 25 6.39 3.28 5.95
C GLN A 25 6.22 3.91 7.33
N ASN A 26 5.12 3.65 8.03
CA ASN A 26 4.83 4.16 9.37
C ASN A 26 4.77 5.67 9.44
N HIS A 27 4.85 6.36 8.30
CA HIS A 27 4.55 7.77 8.25
C HIS A 27 3.05 7.99 8.25
N PHE A 28 2.64 9.22 8.53
CA PHE A 28 1.26 9.63 8.32
C PHE A 28 1.25 10.74 7.28
N VAL A 29 0.62 10.48 6.15
CA VAL A 29 0.44 11.48 5.10
C VAL A 29 -0.72 12.38 5.50
N ASP A 30 -0.44 13.65 5.81
CA ASP A 30 -1.50 14.61 6.10
C ASP A 30 -1.83 15.49 4.91
N GLU A 31 -0.96 15.57 3.91
CA GLU A 31 -1.40 16.15 2.65
C GLU A 31 -2.37 15.21 1.95
N TYR A 32 -3.21 15.79 1.10
CA TYR A 32 -4.15 15.02 0.27
C TYR A 32 -3.79 15.30 -1.17
N ASP A 33 -2.93 14.44 -1.73
CA ASP A 33 -2.70 14.41 -3.16
C ASP A 33 -3.53 13.28 -3.75
N PRO A 34 -4.47 13.55 -4.64
CA PRO A 34 -5.34 12.48 -5.14
C PRO A 34 -4.54 11.38 -5.85
N THR A 35 -5.01 10.15 -5.70
CA THR A 35 -4.36 9.00 -6.31
C THR A 35 -5.01 8.67 -7.65
N ILE A 36 -4.19 8.26 -8.62
CA ILE A 36 -4.67 7.73 -9.89
C ILE A 36 -4.40 6.23 -9.98
N GLU A 37 -3.17 5.81 -9.71
CA GLU A 37 -2.84 4.39 -9.56
C GLU A 37 -1.48 4.31 -8.88
N ASP A 38 -1.41 3.62 -7.74
CA ASP A 38 -0.18 3.48 -6.98
C ASP A 38 0.00 2.02 -6.60
N SER A 39 1.19 1.49 -6.86
CA SER A 39 1.52 0.09 -6.59
C SER A 39 2.60 0.02 -5.54
N TYR A 40 2.35 -0.77 -4.50
CA TYR A 40 3.29 -0.94 -3.39
C TYR A 40 3.53 -2.42 -3.14
N ARG A 41 4.79 -2.78 -2.95
CA ARG A 41 5.19 -4.14 -2.60
C ARG A 41 5.98 -4.09 -1.30
N LYS A 42 5.46 -4.74 -0.27
CA LYS A 42 6.10 -4.73 1.05
C LYS A 42 6.01 -6.13 1.66
N GLN A 43 7.13 -6.59 2.20
CA GLN A 43 7.18 -7.92 2.82
C GLN A 43 6.75 -7.83 4.28
N VAL A 44 5.92 -8.77 4.69
CA VAL A 44 5.23 -8.73 5.97
C VAL A 44 5.23 -10.13 6.57
N VAL A 45 5.23 -10.20 7.90
CA VAL A 45 5.10 -11.46 8.62
C VAL A 45 3.75 -11.45 9.32
N ILE A 46 2.82 -12.28 8.83
CA ILE A 46 1.50 -12.45 9.43
C ILE A 46 1.38 -13.90 9.88
N ASP A 47 1.16 -14.08 11.19
CA ASP A 47 0.97 -15.42 11.77
C ASP A 47 2.14 -16.34 11.43
N GLY A 48 3.35 -15.82 11.53
CA GLY A 48 4.55 -16.62 11.39
C GLY A 48 5.03 -16.85 9.96
N GLU A 49 4.23 -16.54 8.96
CA GLU A 49 4.63 -16.75 7.57
C GLU A 49 5.02 -15.43 6.92
N THR A 50 5.98 -15.51 5.99
CA THR A 50 6.45 -14.33 5.29
C THR A 50 5.50 -14.01 4.15
N CYS A 51 4.94 -12.79 4.16
CA CYS A 51 3.97 -12.35 3.17
C CYS A 51 4.56 -11.18 2.40
N LEU A 52 4.43 -11.22 1.07
CA LEU A 52 4.75 -10.08 0.22
C LEU A 52 3.43 -9.51 -0.29
N LEU A 53 3.05 -8.35 0.25
CA LEU A 53 1.79 -7.71 -0.09
C LEU A 53 1.98 -6.81 -1.30
N ASP A 54 1.31 -7.15 -2.40
CA ASP A 54 1.27 -6.30 -3.60
C ASP A 54 -0.01 -5.48 -3.50
N ILE A 55 0.07 -4.35 -2.81
CA ILE A 55 -1.09 -3.52 -2.52
C ILE A 55 -1.29 -2.55 -3.68
N LEU A 56 -2.52 -2.51 -4.19
CA LEU A 56 -2.90 -1.61 -5.28
C LEU A 56 -3.74 -0.48 -4.68
N ASP A 57 -3.18 0.72 -4.66
CA ASP A 57 -3.90 1.91 -4.21
C ASP A 57 -4.66 2.49 -5.39
N THR A 58 -5.98 2.50 -5.31
CA THR A 58 -6.82 2.89 -6.44
C THR A 58 -7.29 4.33 -6.30
N ALA A 59 -7.89 4.83 -7.38
CA ALA A 59 -8.40 6.19 -7.44
C ALA A 59 -9.84 6.23 -6.93
N GLY A 60 -10.12 7.20 -6.06
CA GLY A 60 -11.46 7.38 -5.54
C GLY A 60 -12.26 8.36 -6.37
N GLN A 61 -11.58 9.14 -7.21
CA GLN A 61 -12.27 10.09 -8.07
C GLN A 61 -13.14 9.35 -9.08
N GLU A 62 -14.31 9.93 -9.37
CA GLU A 62 -15.24 9.32 -10.32
C GLU A 62 -14.73 9.35 -11.75
N GLU A 63 -13.62 10.05 -12.02
CA GLU A 63 -13.08 10.09 -13.37
C GLU A 63 -12.46 8.76 -13.78
N TYR A 64 -11.88 8.03 -12.82
CA TYR A 64 -11.22 6.76 -13.10
C TYR A 64 -12.07 5.57 -12.66
N SER A 65 -13.39 5.70 -12.73
CA SER A 65 -14.28 4.62 -12.29
C SER A 65 -14.22 3.42 -13.23
N ALA A 66 -13.89 3.65 -14.50
CA ALA A 66 -13.78 2.53 -15.44
C ALA A 66 -12.65 1.58 -15.07
N MET A 67 -11.69 2.04 -14.25
CA MET A 67 -10.62 1.16 -13.81
C MET A 67 -11.08 0.14 -12.77
N ARG A 68 -12.23 0.39 -12.13
CA ARG A 68 -12.74 -0.54 -11.12
C ARG A 68 -12.91 -1.94 -11.70
N ASP A 69 -13.57 -2.04 -12.84
CA ASP A 69 -13.78 -3.34 -13.47
C ASP A 69 -12.46 -4.05 -13.76
N GLN A 70 -11.39 -3.29 -14.00
CA GLN A 70 -10.10 -3.89 -14.31
C GLN A 70 -9.48 -4.52 -13.07
N TYR A 71 -9.21 -3.71 -12.04
CA TYR A 71 -8.51 -4.23 -10.87
C TYR A 71 -9.39 -5.06 -9.95
N MET A 72 -10.71 -5.05 -10.13
CA MET A 72 -11.60 -5.88 -9.35
C MET A 72 -11.76 -7.28 -9.94
N ARG A 73 -10.96 -7.62 -10.95
CA ARG A 73 -10.79 -8.99 -11.40
C ARG A 73 -9.39 -9.52 -11.19
N THR A 74 -8.41 -8.64 -10.98
CA THR A 74 -7.03 -9.03 -10.70
C THR A 74 -6.79 -9.30 -9.23
N GLY A 75 -7.32 -8.45 -8.36
CA GLY A 75 -7.02 -8.55 -6.95
C GLY A 75 -7.63 -9.77 -6.30
N GLU A 76 -6.91 -10.31 -5.31
CA GLU A 76 -7.38 -11.45 -4.54
C GLU A 76 -8.21 -11.03 -3.33
N GLY A 77 -7.95 -9.86 -2.79
CA GLY A 77 -8.71 -9.35 -1.66
C GLY A 77 -8.83 -7.84 -1.75
N PHE A 78 -9.89 -7.31 -1.16
CA PHE A 78 -10.24 -5.91 -1.31
C PHE A 78 -10.46 -5.26 0.05
N LEU A 79 -9.76 -4.16 0.29
CA LEU A 79 -9.94 -3.36 1.50
C LEU A 79 -10.86 -2.20 1.13
N CYS A 80 -12.13 -2.34 1.48
CA CYS A 80 -13.15 -1.35 1.13
C CYS A 80 -13.25 -0.31 2.24
N VAL A 81 -12.76 0.91 1.96
CA VAL A 81 -12.55 1.93 2.97
C VAL A 81 -13.60 3.02 2.85
N PHE A 82 -14.05 3.53 3.99
CA PHE A 82 -14.88 4.72 4.06
C PHE A 82 -14.45 5.55 5.25
N ALA A 83 -14.98 6.76 5.32
CA ALA A 83 -14.67 7.71 6.39
C ALA A 83 -15.85 7.76 7.36
N ILE A 84 -15.60 7.46 8.63
CA ILE A 84 -16.66 7.46 9.63
C ILE A 84 -17.25 8.85 9.83
N ASN A 85 -16.52 9.91 9.45
CA ASN A 85 -17.03 11.26 9.50
C ASN A 85 -17.64 11.71 8.17
N ASN A 86 -18.03 10.75 7.32
CA ASN A 86 -18.57 11.08 6.00
C ASN A 86 -19.60 10.01 5.64
N THR A 87 -20.88 10.32 5.84
CA THR A 87 -21.94 9.37 5.56
C THR A 87 -22.03 9.04 4.07
N LYS A 88 -21.67 9.99 3.21
CA LYS A 88 -21.71 9.73 1.77
C LYS A 88 -20.71 8.65 1.38
N SER A 89 -19.58 8.58 2.07
CA SER A 89 -18.59 7.55 1.77
C SER A 89 -19.00 6.17 2.28
N PHE A 90 -19.92 6.13 3.25
CA PHE A 90 -20.35 4.84 3.79
C PHE A 90 -21.30 4.13 2.82
N GLU A 91 -22.18 4.88 2.16
CA GLU A 91 -23.03 4.29 1.13
C GLU A 91 -22.30 4.15 -0.20
N ASP A 92 -21.25 4.95 -0.42
CA ASP A 92 -20.42 4.75 -1.61
C ASP A 92 -19.69 3.42 -1.54
N ILE A 93 -19.22 3.04 -0.36
CA ILE A 93 -18.58 1.73 -0.19
C ILE A 93 -19.59 0.60 -0.25
N HIS A 94 -20.88 0.90 -0.07
CA HIS A 94 -21.91 -0.13 -0.18
C HIS A 94 -21.97 -0.69 -1.59
N GLN A 95 -21.87 0.17 -2.60
CA GLN A 95 -21.90 -0.30 -3.98
C GLN A 95 -20.53 -0.70 -4.50
N TYR A 96 -19.45 -0.31 -3.83
CA TYR A 96 -18.14 -0.86 -4.14
C TYR A 96 -18.14 -2.38 -3.91
N CYS A 97 -18.62 -2.83 -2.75
CA CYS A 97 -18.66 -4.25 -2.44
C CYS A 97 -19.62 -4.98 -3.37
N GLU A 98 -20.81 -4.43 -3.61
CA GLU A 98 -21.77 -5.07 -4.49
C GLU A 98 -21.20 -5.21 -5.90
N GLN A 99 -20.44 -4.21 -6.35
CA GLN A 99 -19.78 -4.30 -7.65
C GLN A 99 -18.69 -5.36 -7.64
N ILE A 100 -18.03 -5.57 -6.51
CA ILE A 100 -16.97 -6.58 -6.43
C ILE A 100 -17.55 -7.97 -6.59
N LYS A 101 -18.62 -8.27 -5.85
CA LYS A 101 -19.22 -9.61 -5.90
C LYS A 101 -19.77 -9.91 -7.29
N ARG A 102 -20.18 -8.88 -8.04
CA ARG A 102 -20.78 -9.11 -9.34
C ARG A 102 -19.73 -9.38 -10.41
N VAL A 103 -18.64 -8.61 -10.43
CA VAL A 103 -17.59 -8.85 -11.43
C VAL A 103 -16.68 -9.99 -11.02
N LYS A 104 -16.64 -10.34 -9.73
CA LYS A 104 -16.03 -11.60 -9.33
C LYS A 104 -16.97 -12.78 -9.55
N ASP A 105 -18.25 -12.51 -9.79
CA ASP A 105 -19.26 -13.55 -9.97
C ASP A 105 -19.21 -14.56 -8.82
N SER A 106 -19.17 -14.04 -7.59
CA SER A 106 -19.05 -14.89 -6.41
C SER A 106 -19.80 -14.25 -5.26
N ASP A 107 -20.32 -15.09 -4.37
CA ASP A 107 -20.88 -14.64 -3.11
C ASP A 107 -19.91 -14.86 -1.96
N ASP A 108 -18.63 -15.07 -2.26
CA ASP A 108 -17.60 -15.36 -1.26
C ASP A 108 -16.28 -14.80 -1.81
N VAL A 109 -16.11 -13.49 -1.67
CA VAL A 109 -14.93 -12.78 -2.13
C VAL A 109 -14.24 -12.20 -0.90
N PRO A 110 -12.94 -12.41 -0.72
CA PRO A 110 -12.25 -11.84 0.46
C PRO A 110 -12.34 -10.32 0.50
N MET A 111 -13.07 -9.80 1.47
CA MET A 111 -13.22 -8.37 1.66
C MET A 111 -13.14 -8.04 3.14
N VAL A 112 -12.70 -6.82 3.43
CA VAL A 112 -12.65 -6.31 4.80
C VAL A 112 -13.16 -4.88 4.76
N LEU A 113 -14.33 -4.64 5.34
CA LEU A 113 -14.86 -3.29 5.47
C LEU A 113 -14.08 -2.53 6.54
N VAL A 114 -13.69 -1.30 6.24
CA VAL A 114 -12.80 -0.52 7.08
C VAL A 114 -13.38 0.87 7.25
N GLY A 115 -13.71 1.24 8.49
CA GLY A 115 -14.05 2.62 8.81
C GLY A 115 -12.83 3.39 9.27
N ASN A 116 -12.45 4.42 8.52
CA ASN A 116 -11.23 5.17 8.78
C ASN A 116 -11.54 6.48 9.51
N LYS A 117 -10.48 7.15 9.95
CA LYS A 117 -10.56 8.45 10.62
C LYS A 117 -11.35 8.36 11.93
N CYS A 118 -11.07 7.32 12.71
CA CYS A 118 -11.70 7.15 14.01
C CYS A 118 -11.05 8.01 15.09
N ASP A 119 -9.89 8.60 14.81
CA ASP A 119 -9.32 9.57 15.74
C ASP A 119 -10.18 10.81 15.84
N LEU A 120 -10.93 11.14 14.79
CA LEU A 120 -11.82 12.29 14.82
C LEU A 120 -12.99 12.02 15.76
N ALA A 121 -13.46 13.09 16.40
CA ALA A 121 -14.58 13.00 17.32
C ALA A 121 -15.91 13.35 16.67
N ALA A 122 -15.89 13.88 15.44
CA ALA A 122 -17.12 14.25 14.74
C ALA A 122 -17.65 13.08 13.90
N ARG A 123 -17.89 11.97 14.58
CA ARG A 123 -18.36 10.76 13.91
C ARG A 123 -19.83 10.90 13.53
N THR A 124 -20.17 10.44 12.33
CA THR A 124 -21.54 10.41 11.87
C THR A 124 -22.03 9.02 11.47
N VAL A 125 -21.15 8.02 11.42
CA VAL A 125 -21.51 6.66 11.06
C VAL A 125 -21.21 5.77 12.27
N GLU A 126 -22.26 5.23 12.88
CA GLU A 126 -22.08 4.31 14.00
C GLU A 126 -21.46 3.00 13.52
N SER A 127 -20.74 2.34 14.42
CA SER A 127 -20.21 1.02 14.09
C SER A 127 -21.34 0.01 13.92
N ARG A 128 -22.43 0.17 14.66
CA ARG A 128 -23.60 -0.68 14.46
C ARG A 128 -24.06 -0.67 13.01
N GLN A 129 -24.11 0.52 12.40
CA GLN A 129 -24.47 0.63 10.99
C GLN A 129 -23.43 -0.04 10.10
N ALA A 130 -22.15 0.03 10.49
CA ALA A 130 -21.10 -0.56 9.67
C ALA A 130 -21.06 -2.08 9.82
N GLN A 131 -21.25 -2.59 11.04
CA GLN A 131 -21.30 -4.03 11.22
C GLN A 131 -22.56 -4.62 10.61
N ASP A 132 -23.64 -3.85 10.57
CA ASP A 132 -24.82 -4.26 9.82
C ASP A 132 -24.48 -4.54 8.36
N LEU A 133 -23.75 -3.60 7.74
CA LEU A 133 -23.36 -3.78 6.34
C LEU A 133 -22.32 -4.89 6.19
N ALA A 134 -21.42 -5.02 7.17
CA ALA A 134 -20.38 -6.03 7.08
C ALA A 134 -20.95 -7.44 7.28
N ARG A 135 -21.88 -7.59 8.23
CA ARG A 135 -22.47 -8.90 8.45
C ARG A 135 -23.38 -9.32 7.30
N SER A 136 -24.00 -8.35 6.62
CA SER A 136 -24.85 -8.67 5.48
C SER A 136 -24.03 -9.22 4.32
N TYR A 137 -22.76 -8.83 4.22
CA TYR A 137 -21.86 -9.35 3.20
C TYR A 137 -21.00 -10.51 3.70
N GLY A 138 -21.11 -10.87 4.97
CA GLY A 138 -20.29 -11.93 5.51
C GLY A 138 -18.81 -11.60 5.59
N ILE A 139 -18.46 -10.33 5.69
CA ILE A 139 -17.07 -9.90 5.73
C ILE A 139 -16.78 -9.23 7.07
N PRO A 140 -15.54 -9.21 7.54
CA PRO A 140 -15.24 -8.53 8.80
C PRO A 140 -15.27 -7.02 8.64
N TYR A 141 -15.31 -6.34 9.78
CA TYR A 141 -15.27 -4.88 9.84
C TYR A 141 -14.27 -4.46 10.90
N ILE A 142 -13.42 -3.50 10.56
CA ILE A 142 -12.35 -3.05 11.45
C ILE A 142 -12.25 -1.54 11.38
N GLU A 143 -12.36 -0.88 12.53
CA GLU A 143 -12.22 0.56 12.59
C GLU A 143 -10.74 0.92 12.66
N THR A 144 -10.31 1.85 11.81
CA THR A 144 -8.91 2.26 11.75
C THR A 144 -8.79 3.77 11.79
N SER A 145 -7.56 4.22 11.99
CA SER A 145 -7.22 5.64 11.90
C SER A 145 -5.79 5.72 11.38
N ALA A 146 -5.63 6.20 10.14
CA ALA A 146 -4.31 6.28 9.54
C ALA A 146 -3.39 7.24 10.29
N LYS A 147 -3.95 8.18 11.04
CA LYS A 147 -3.12 9.12 11.79
C LYS A 147 -2.51 8.44 13.01
N THR A 148 -3.33 7.89 13.90
CA THR A 148 -2.86 7.23 15.11
C THR A 148 -2.45 5.79 14.87
N ARG A 149 -2.56 5.29 13.63
CA ARG A 149 -2.22 3.92 13.25
C ARG A 149 -3.08 2.87 13.94
N GLN A 150 -4.15 3.29 14.61
CA GLN A 150 -5.01 2.35 15.32
C GLN A 150 -5.63 1.36 14.34
N GLY A 151 -5.45 0.06 14.61
CA GLY A 151 -6.08 -0.98 13.82
C GLY A 151 -5.64 -1.05 12.37
N VAL A 152 -4.56 -0.36 12.02
CA VAL A 152 -4.11 -0.34 10.64
C VAL A 152 -3.59 -1.71 10.23
N GLU A 153 -2.67 -2.28 11.02
CA GLU A 153 -2.18 -3.62 10.73
C GLU A 153 -3.30 -4.65 10.84
N ASP A 154 -4.21 -4.46 11.80
CA ASP A 154 -5.32 -5.39 11.95
C ASP A 154 -6.14 -5.50 10.68
N ALA A 155 -6.41 -4.37 10.03
CA ALA A 155 -7.26 -4.39 8.84
C ALA A 155 -6.55 -5.08 7.67
N PHE A 156 -5.28 -4.77 7.45
CA PHE A 156 -4.55 -5.40 6.35
C PHE A 156 -4.29 -6.87 6.63
N TYR A 157 -3.98 -7.22 7.88
CA TYR A 157 -3.72 -8.61 8.22
C TYR A 157 -4.98 -9.45 8.15
N THR A 158 -6.13 -8.86 8.51
CA THR A 158 -7.39 -9.60 8.43
C THR A 158 -7.73 -9.98 7.01
N LEU A 159 -7.50 -9.06 6.06
CA LEU A 159 -7.77 -9.37 4.66
C LEU A 159 -6.86 -10.48 4.15
N VAL A 160 -5.59 -10.48 4.58
CA VAL A 160 -4.68 -11.55 4.18
C VAL A 160 -5.15 -12.89 4.75
N ARG A 161 -5.65 -12.88 5.98
CA ARG A 161 -6.19 -14.11 6.57
C ARG A 161 -7.44 -14.57 5.84
N GLU A 162 -8.23 -13.64 5.29
CA GLU A 162 -9.40 -14.03 4.52
C GLU A 162 -9.00 -14.68 3.20
N ILE A 163 -7.94 -14.17 2.57
CA ILE A 163 -7.46 -14.75 1.32
C ILE A 163 -6.79 -16.10 1.58
N ARG A 164 -6.09 -16.23 2.72
CA ARG A 164 -5.29 -17.41 2.97
C ARG A 164 -6.12 -18.68 2.98
N GLN A 165 -7.38 -18.59 3.42
CA GLN A 165 -8.27 -19.75 3.38
C GLN A 165 -9.14 -19.71 2.13
N HIS A 166 -10.23 -18.95 2.20
CA HIS A 166 -11.13 -18.76 1.06
C HIS A 166 -11.63 -20.07 0.49
N SER B 1 -4.42 16.29 -19.37
CA SER B 1 -3.98 16.17 -17.98
C SER B 1 -2.46 16.30 -17.88
N ASN B 2 -1.99 16.76 -16.72
CA ASN B 2 -0.56 16.90 -16.45
C ASN B 2 -0.11 15.71 -15.58
N THR B 3 -0.15 14.53 -16.18
CA THR B 3 0.20 13.30 -15.50
C THR B 3 1.23 12.53 -16.30
N ILE B 4 2.05 11.76 -15.59
CA ILE B 4 3.09 10.92 -16.20
C ILE B 4 3.05 9.55 -15.55
N ARG B 5 2.93 8.52 -16.36
CA ARG B 5 3.03 7.16 -15.86
C ARG B 5 4.50 6.80 -15.63
N VAL B 6 4.83 6.35 -14.42
CA VAL B 6 6.20 6.01 -14.06
C VAL B 6 6.21 4.61 -13.48
N PHE B 7 7.06 3.75 -14.03
CA PHE B 7 7.26 2.40 -13.52
C PHE B 7 8.48 2.38 -12.62
N LEU B 8 8.26 2.03 -11.35
CA LEU B 8 9.26 2.07 -10.30
C LEU B 8 9.86 0.68 -10.07
N PRO B 9 11.02 0.60 -9.41
CA PRO B 9 11.67 -0.70 -9.21
C PRO B 9 10.82 -1.65 -8.35
N ASN B 10 11.29 -2.89 -8.27
CA ASN B 10 10.61 -3.99 -7.57
C ASN B 10 9.18 -4.16 -8.08
N LYS B 11 9.01 -3.99 -9.40
CA LYS B 11 7.74 -4.23 -10.07
C LYS B 11 6.62 -3.37 -9.47
N GLN B 12 6.88 -2.07 -9.38
CA GLN B 12 5.92 -1.11 -8.87
C GLN B 12 5.69 -0.02 -9.90
N ARG B 13 4.56 0.68 -9.77
CA ARG B 13 4.23 1.73 -10.71
C ARG B 13 3.41 2.80 -10.02
N THR B 14 3.45 4.01 -10.57
CA THR B 14 2.71 5.14 -10.03
C THR B 14 2.32 6.05 -11.18
N VAL B 15 1.49 7.05 -10.86
CA VAL B 15 1.11 8.10 -11.81
C VAL B 15 1.24 9.43 -11.09
N VAL B 16 2.22 10.22 -11.48
CA VAL B 16 2.54 11.47 -10.79
C VAL B 16 1.81 12.63 -11.44
N ASN B 17 1.53 13.65 -10.64
CA ASN B 17 1.01 14.91 -11.14
C ASN B 17 2.18 15.88 -11.35
N VAL B 18 2.06 16.70 -12.39
CA VAL B 18 3.14 17.56 -12.84
C VAL B 18 2.74 19.02 -12.68
N ARG B 19 3.63 19.81 -12.09
CA ARG B 19 3.47 21.25 -11.99
C ARG B 19 4.54 21.93 -12.84
N ASN B 20 4.12 22.96 -13.59
CA ASN B 20 5.06 23.66 -14.47
C ASN B 20 6.12 24.36 -13.64
N GLY B 21 7.39 24.14 -14.01
CA GLY B 21 8.52 24.62 -13.28
C GLY B 21 9.11 23.59 -12.33
N MET B 22 8.31 22.65 -11.85
CA MET B 22 8.80 21.60 -10.98
C MET B 22 9.71 20.64 -11.75
N SER B 23 10.67 20.07 -11.04
CA SER B 23 11.65 19.19 -11.64
C SER B 23 11.12 17.76 -11.73
N LEU B 24 11.90 16.90 -12.39
CA LEU B 24 11.64 15.46 -12.44
C LEU B 24 12.19 14.74 -11.22
N HIS B 25 13.37 15.18 -10.76
CA HIS B 25 13.95 14.59 -9.56
C HIS B 25 13.10 14.86 -8.33
N ASP B 26 12.41 16.00 -8.29
CA ASP B 26 11.54 16.33 -7.17
C ASP B 26 10.14 15.75 -7.33
N CYS B 27 9.68 15.57 -8.57
CA CYS B 27 8.31 15.09 -8.79
C CYS B 27 8.17 13.61 -8.42
N LEU B 28 9.25 12.85 -8.46
CA LEU B 28 9.22 11.42 -8.16
C LEU B 28 9.84 11.10 -6.80
N MET B 29 10.17 12.11 -6.01
CA MET B 29 10.79 11.87 -4.71
C MET B 29 9.82 11.17 -3.76
N LYS B 30 8.59 11.70 -3.65
CA LYS B 30 7.61 11.13 -2.74
C LYS B 30 7.35 9.66 -3.05
N ALA B 31 7.09 9.34 -4.31
CA ALA B 31 6.81 7.96 -4.70
C ALA B 31 8.00 7.06 -4.42
N LEU B 32 9.22 7.57 -4.64
CA LEU B 32 10.41 6.76 -4.37
C LEU B 32 10.68 6.64 -2.88
N LYS B 33 10.35 7.67 -2.10
CA LYS B 33 10.67 7.64 -0.68
C LYS B 33 9.75 6.68 0.07
N VAL B 34 8.45 6.71 -0.22
CA VAL B 34 7.50 5.82 0.47
C VAL B 34 7.72 4.36 0.14
N ARG B 35 8.54 4.05 -0.86
CA ARG B 35 8.86 2.67 -1.23
C ARG B 35 10.27 2.28 -0.81
N GLY B 36 10.88 3.05 0.09
CA GLY B 36 12.22 2.73 0.56
C GLY B 36 13.30 2.88 -0.48
N LEU B 37 13.13 3.79 -1.43
CA LEU B 37 14.08 3.98 -2.52
C LEU B 37 14.66 5.39 -2.48
N GLN B 38 15.79 5.55 -3.15
CA GLN B 38 16.47 6.83 -3.27
C GLN B 38 16.69 7.12 -4.74
N PRO B 39 16.42 8.36 -5.21
CA PRO B 39 16.58 8.64 -6.64
C PRO B 39 18.02 8.63 -7.10
N GLU B 40 18.96 9.05 -6.27
CA GLU B 40 20.37 9.00 -6.62
C GLU B 40 20.97 7.61 -6.50
N CYS B 41 20.14 6.61 -6.21
CA CYS B 41 20.51 5.20 -6.39
C CYS B 41 19.87 4.61 -7.64
N CYS B 42 19.24 5.44 -8.46
CA CYS B 42 18.43 4.98 -9.57
C CYS B 42 18.67 5.85 -10.80
N ALA B 43 18.32 5.30 -11.95
CA ALA B 43 18.42 6.00 -13.23
C ALA B 43 17.07 5.94 -13.92
N VAL B 44 16.58 7.08 -14.37
CA VAL B 44 15.25 7.19 -14.97
C VAL B 44 15.37 7.13 -16.48
N PHE B 45 14.57 6.27 -17.09
CA PHE B 45 14.45 6.18 -18.54
C PHE B 45 13.17 6.87 -19.00
N ARG B 46 13.02 6.95 -20.31
CA ARG B 46 11.74 7.27 -20.95
C ARG B 46 11.53 6.30 -22.10
N LEU B 47 10.46 5.52 -22.02
CA LEU B 47 10.25 4.45 -22.99
C LEU B 47 9.94 5.02 -24.37
N LEU B 48 10.52 4.41 -25.38
CA LEU B 48 10.33 4.85 -26.76
C LEU B 48 9.67 3.75 -27.58
N LYS B 54 14.67 -0.24 -25.91
CA LYS B 54 14.01 0.86 -26.58
C LYS B 54 13.69 1.98 -25.59
N LYS B 55 14.64 2.24 -24.69
CA LYS B 55 14.49 3.27 -23.66
C LYS B 55 15.60 4.30 -23.80
N ALA B 56 15.25 5.56 -23.57
CA ALA B 56 16.20 6.67 -23.63
C ALA B 56 16.46 7.18 -22.22
N ARG B 57 17.74 7.24 -21.84
CA ARG B 57 18.10 7.69 -20.50
C ARG B 57 17.95 9.20 -20.39
N LEU B 58 17.35 9.63 -19.29
CA LEU B 58 17.14 11.04 -19.00
C LEU B 58 17.92 11.44 -17.76
N ASP B 59 18.37 12.69 -17.74
CA ASP B 59 19.03 13.24 -16.58
C ASP B 59 17.99 13.62 -15.53
N TRP B 60 18.35 13.43 -14.26
CA TRP B 60 17.39 13.64 -13.18
C TRP B 60 16.92 15.09 -13.08
N ASN B 61 17.69 16.04 -13.64
CA ASN B 61 17.28 17.44 -13.62
C ASN B 61 16.29 17.79 -14.71
N THR B 62 15.95 16.85 -15.58
CA THR B 62 15.03 17.10 -16.69
C THR B 62 13.74 17.74 -16.19
N ASP B 63 13.26 18.73 -16.93
CA ASP B 63 11.99 19.36 -16.59
C ASP B 63 10.86 18.34 -16.67
N ALA B 64 10.06 18.26 -15.62
CA ALA B 64 8.96 17.30 -15.57
C ALA B 64 7.86 17.63 -16.57
N ALA B 65 7.78 18.90 -17.02
CA ALA B 65 6.83 19.26 -18.06
C ALA B 65 7.27 18.80 -19.44
N SER B 66 8.56 18.49 -19.61
CA SER B 66 9.08 18.08 -20.92
C SER B 66 8.62 16.68 -21.30
N LEU B 67 7.97 15.94 -20.39
CA LEU B 67 7.58 14.56 -20.65
C LEU B 67 6.15 14.30 -20.21
N ILE B 68 5.28 15.31 -20.27
CA ILE B 68 3.88 15.13 -19.91
C ILE B 68 3.21 14.23 -20.94
N GLY B 69 2.40 13.29 -20.46
CA GLY B 69 1.81 12.30 -21.33
C GLY B 69 2.73 11.15 -21.70
N GLU B 70 3.93 11.11 -21.14
CA GLU B 70 4.90 10.06 -21.45
C GLU B 70 4.88 8.97 -20.38
N GLU B 71 5.56 7.87 -20.68
CA GLU B 71 5.70 6.75 -19.77
C GLU B 71 7.17 6.56 -19.45
N LEU B 72 7.53 6.68 -18.19
CA LEU B 72 8.90 6.59 -17.73
C LEU B 72 9.12 5.28 -16.98
N GLN B 73 10.39 4.98 -16.72
CA GLN B 73 10.73 3.83 -15.89
C GLN B 73 11.99 4.15 -15.09
N VAL B 74 12.00 3.71 -13.84
CA VAL B 74 13.09 3.94 -12.91
C VAL B 74 13.70 2.59 -12.58
N ASP B 75 15.01 2.44 -12.82
CA ASP B 75 15.71 1.19 -12.59
C ASP B 75 16.95 1.45 -11.75
N PHE B 76 17.52 0.36 -11.23
CA PHE B 76 18.73 0.44 -10.43
C PHE B 76 19.96 0.53 -11.32
N LEU B 77 21.00 1.16 -10.78
CA LEU B 77 22.31 1.07 -11.39
C LEU B 77 22.86 -0.34 -11.22
N ASP B 78 23.93 -0.62 -11.96
CA ASP B 78 24.55 -1.93 -11.89
C ASP B 78 25.53 -2.00 -10.71
N HIS B 79 25.39 -3.05 -9.90
CA HIS B 79 26.13 -3.16 -8.63
C HIS B 79 25.83 -2.01 -7.67
N LEU B 82 20.99 -4.00 -4.66
CA LEU B 82 20.36 -5.15 -4.04
C LEU B 82 18.93 -4.83 -3.62
N THR B 83 18.11 -5.87 -3.43
CA THR B 83 16.72 -5.68 -3.07
C THR B 83 16.16 -6.98 -2.51
N THR B 84 14.99 -6.87 -1.88
CA THR B 84 14.18 -7.99 -1.38
C THR B 84 14.82 -8.71 -0.20
N HIS B 85 14.10 -8.77 0.92
CA HIS B 85 14.54 -9.50 2.09
C HIS B 85 14.21 -10.99 1.95
N ASN B 86 14.91 -11.80 2.75
CA ASN B 86 14.66 -13.24 2.84
C ASN B 86 14.48 -13.57 4.33
N PHE B 87 13.27 -13.34 4.83
CA PHE B 87 12.99 -13.55 6.25
C PHE B 87 12.98 -15.04 6.59
N ALA B 88 13.50 -15.36 7.77
CA ALA B 88 13.52 -16.74 8.26
C ALA B 88 13.34 -16.71 9.76
N ARG B 89 12.63 -17.72 10.29
CA ARG B 89 12.41 -17.82 11.72
C ARG B 89 13.72 -18.17 12.43
N LYS B 90 14.13 -17.32 13.36
CA LYS B 90 15.37 -17.52 14.09
C LYS B 90 15.13 -17.22 15.57
N THR B 91 15.67 -18.08 16.42
CA THR B 91 15.53 -17.94 17.86
C THR B 91 16.92 -17.67 18.43
N PHE B 92 17.15 -16.43 18.82
CA PHE B 92 18.50 -15.91 19.04
C PHE B 92 19.04 -16.37 20.39
N LEU B 93 20.02 -17.27 20.36
CA LEU B 93 20.67 -17.69 21.61
C LEU B 93 21.70 -16.68 22.07
N LYS B 94 22.54 -16.19 21.15
CA LYS B 94 23.41 -15.07 21.48
C LYS B 94 22.55 -13.87 21.84
N LEU B 95 22.91 -13.21 22.95
CA LEU B 95 22.08 -12.12 23.47
C LEU B 95 21.88 -11.04 22.41
N ALA B 96 20.66 -10.94 21.90
CA ALA B 96 20.34 -9.99 20.84
C ALA B 96 19.10 -9.20 21.21
N PHE B 97 19.00 -8.00 20.66
CA PHE B 97 17.82 -7.16 20.78
C PHE B 97 17.29 -6.85 19.39
N CYS B 98 16.06 -6.37 19.34
CA CYS B 98 15.44 -6.04 18.06
C CYS B 98 16.13 -4.84 17.42
N ASP B 99 15.96 -4.70 16.11
CA ASP B 99 16.51 -3.57 15.38
C ASP B 99 15.47 -2.49 15.13
N ILE B 100 14.30 -2.59 15.76
CA ILE B 100 13.24 -1.60 15.58
C ILE B 100 12.90 -0.96 16.92
N CYS B 101 12.54 -1.77 17.91
CA CYS B 101 12.21 -1.29 19.24
C CYS B 101 13.35 -1.44 20.23
N GLN B 102 14.45 -2.10 19.84
CA GLN B 102 15.65 -2.23 20.66
C GLN B 102 15.39 -2.93 21.99
N LYS B 103 14.33 -3.72 22.09
CA LYS B 103 14.03 -4.48 23.29
C LYS B 103 14.44 -5.95 23.12
N PHE B 104 14.31 -6.72 24.19
CA PHE B 104 14.82 -8.08 24.21
C PHE B 104 14.17 -8.92 23.12
N LEU B 105 15.00 -9.61 22.34
CA LEU B 105 14.55 -10.44 21.22
C LEU B 105 15.19 -11.81 21.35
N LEU B 106 14.37 -12.81 21.70
CA LEU B 106 14.81 -14.20 21.71
C LEU B 106 14.14 -15.03 20.62
N ASN B 107 12.84 -14.88 20.43
CA ASN B 107 12.09 -15.57 19.39
C ASN B 107 11.56 -14.54 18.40
N GLY B 108 12.17 -14.46 17.23
CA GLY B 108 11.77 -13.50 16.21
C GLY B 108 12.12 -13.98 14.82
N PHE B 109 12.33 -13.02 13.92
CA PHE B 109 12.67 -13.30 12.53
C PHE B 109 13.89 -12.49 12.14
N ARG B 110 14.60 -12.97 11.13
CA ARG B 110 15.78 -12.29 10.61
C ARG B 110 15.96 -12.64 9.14
N CYS B 111 16.42 -11.68 8.36
CA CYS B 111 16.75 -11.88 6.96
C CYS B 111 18.23 -12.17 6.84
N GLN B 112 18.58 -13.38 6.39
CA GLN B 112 19.97 -13.79 6.34
C GLN B 112 20.81 -12.87 5.46
N THR B 113 20.20 -12.29 4.42
CA THR B 113 20.93 -11.45 3.49
C THR B 113 21.32 -10.12 4.13
N CYS B 114 20.40 -9.49 4.86
CA CYS B 114 20.65 -8.19 5.44
C CYS B 114 21.19 -8.27 6.87
N GLY B 115 20.87 -9.33 7.60
CA GLY B 115 21.17 -9.39 9.01
C GLY B 115 20.21 -8.61 9.88
N TYR B 116 19.09 -8.16 9.33
CA TYR B 116 18.11 -7.42 10.11
C TYR B 116 17.34 -8.37 11.02
N LYS B 117 17.31 -8.07 12.31
CA LYS B 117 16.66 -8.90 13.31
C LYS B 117 15.55 -8.09 14.00
N PHE B 118 14.40 -8.73 14.18
CA PHE B 118 13.24 -8.01 14.71
C PHE B 118 12.21 -9.01 15.22
N HIS B 119 11.29 -8.50 16.04
CA HIS B 119 10.16 -9.28 16.50
C HIS B 119 9.13 -9.44 15.38
N GLU B 120 8.26 -10.44 15.54
CA GLU B 120 7.22 -10.67 14.53
C GLU B 120 6.26 -9.50 14.45
N HIS B 121 5.85 -8.96 15.59
CA HIS B 121 5.03 -7.75 15.58
C HIS B 121 5.82 -6.52 15.15
N CYS B 122 7.14 -6.63 15.01
CA CYS B 122 7.98 -5.53 14.52
C CYS B 122 8.43 -5.82 13.10
N SER B 123 7.48 -6.10 12.22
CA SER B 123 7.78 -6.50 10.85
C SER B 123 7.58 -5.39 9.83
N THR B 124 6.55 -4.56 10.00
CA THR B 124 6.25 -3.52 9.02
C THR B 124 7.19 -2.32 9.10
N LYS B 125 7.93 -2.17 10.18
CA LYS B 125 8.88 -1.08 10.31
C LYS B 125 10.27 -1.45 9.78
N VAL B 126 10.43 -2.65 9.25
CA VAL B 126 11.68 -3.03 8.58
C VAL B 126 11.76 -2.29 7.25
N PRO B 127 12.93 -1.75 6.88
CA PRO B 127 13.04 -1.09 5.58
C PRO B 127 12.63 -2.01 4.44
N THR B 128 12.04 -1.42 3.40
CA THR B 128 11.49 -2.21 2.30
C THR B 128 12.60 -2.87 1.50
N MET B 129 13.63 -2.11 1.14
CA MET B 129 14.72 -2.66 0.34
C MET B 129 15.74 -3.36 1.23
N CYS B 130 16.44 -4.33 0.63
CA CYS B 130 17.43 -5.14 1.33
C CYS B 130 18.75 -5.06 0.59
N VAL B 131 19.85 -5.04 1.33
CA VAL B 131 21.17 -4.85 0.76
C VAL B 131 21.95 -6.16 0.82
N ASP B 132 23.01 -6.22 0.01
CA ASP B 132 24.01 -7.29 -0.02
C ASP B 132 23.52 -8.58 -0.65
N TRP B 133 22.31 -8.59 -1.22
CA TRP B 133 21.76 -9.73 -1.97
C TRP B 133 22.04 -11.10 -1.36
#